data_7I2R
#
_entry.id   7I2R
#
_cell.length_a   81.930
_cell.length_b   115.957
_cell.length_c   148.578
_cell.angle_alpha   90.00
_cell.angle_beta   90.00
_cell.angle_gamma   90.00
#
_symmetry.space_group_name_H-M   'I 2 2 2'
#
loop_
_entity.id
_entity.type
_entity.pdbx_description
1 polymer 'NS5 RNA-dependent RNA polymerase'
2 non-polymer 'ZINC ION'
3 non-polymer '2-(N-MORPHOLINO)-ETHANESULFONIC ACID'
4 non-polymer 'DIMETHYL SULFOXIDE'
5 non-polymer 'PHOSPHATE ION'
6 non-polymer DI(HYDROXYETHYL)ETHER
7 non-polymer 'CHLORIDE ION'
8 non-polymer (azepan-1-yl)(2H-1,3-benzodioxol-5-yl)methanone
9 water water
#
_entity_poly.entity_id   1
_entity_poly.type   'polypeptide(L)'
_entity_poly.pdbx_seq_one_letter_code
;GPGIESETPNLDIIGKRIEKIKQEHETSWHYDQDHPYKTWAYHGSYETKQTGSASSMVNGVVRLLTKPWDIIPMVTQMAM
TDTTPFGQQRVFKEKVDTRTQEPKEGTKKLMKITAEWLWKELGKKKTPRMCTREEFTRKVRSNAALGAIFTDENKWKSAR
EAVEDSGFWELVDKERNLHLEGKCETCVYNMMGKREKKLGEFGKAKGSRAIWYMWLGARFLEFEALGFLNEDHWFSRENS
LSGVEGEGLHKLGYILRDVSKKEGGAMYADDTAGWDTRITLEDLKNEEMVTNHMEGEHKKLAEAIFKLTYQNKVVRVQRP
TPRGTVMDIISRRDQRGSGQVVTYGLNTFTNMEAQLIRQMEGEGVFKSIQHLTVTEEIAVKNWLVRVGRERLSRMAISGD
DCVVKPLDDRFASALTALNDMGKVRKDIQQWEPSRGWNDWTQVPFCSHHFHELIMKDGRVLVVPCRNQDELIGRARISQG
AGWSLRETACLGKSYAQMWSLMYFHRRDLRLAANAICSAVPSHWVPTSRTTWSIHATHEWMTTEDMLTVWNRVWIQENPW
MEDKTPVESWEEIPYLGKREDQWCGSLIGLTSRATWAKNIQTAINQVRSLIGNEEYTDYMPSMKRFRREEEEAGVLW
;
_entity_poly.pdbx_strand_id   A
#
# COMPACT_ATOMS: atom_id res chain seq x y z
N ASN A 10 -0.25 24.56 21.06
CA ASN A 10 -1.47 23.70 21.08
C ASN A 10 -2.65 24.49 20.49
N LEU A 11 -3.53 25.02 21.35
CA LEU A 11 -4.80 25.69 20.96
C LEU A 11 -4.50 26.91 20.08
N ASP A 12 -3.28 27.46 20.19
CA ASP A 12 -2.79 28.59 19.36
C ASP A 12 -2.77 28.16 17.88
N ILE A 13 -2.60 26.86 17.62
CA ILE A 13 -2.44 26.27 16.25
C ILE A 13 -3.75 25.60 15.81
N ILE A 14 -4.54 25.10 16.76
CA ILE A 14 -5.77 24.29 16.48
C ILE A 14 -7.02 25.11 16.83
N GLY A 15 -6.87 26.09 17.74
CA GLY A 15 -7.97 26.96 18.20
C GLY A 15 -8.82 27.47 17.04
N LYS A 16 -8.21 28.24 16.13
CA LYS A 16 -8.88 28.86 14.96
C LYS A 16 -9.79 27.82 14.29
N ARG A 17 -9.24 26.63 14.01
CA ARG A 17 -10.02 25.56 13.37
C ARG A 17 -11.17 25.13 14.30
N ILE A 18 -10.85 24.90 15.57
CA ILE A 18 -11.88 24.45 16.54
C ILE A 18 -12.95 25.55 16.68
N GLU A 19 -12.51 26.80 16.77
CA GLU A 19 -13.48 27.93 16.94
C GLU A 19 -14.42 27.99 15.74
N LYS A 20 -13.89 27.80 14.53
CA LYS A 20 -14.74 27.90 13.31
C LYS A 20 -15.83 26.83 13.34
N ILE A 21 -15.47 25.59 13.66
CA ILE A 21 -16.46 24.48 13.63
C ILE A 21 -17.54 24.75 14.66
N LYS A 22 -17.14 25.19 15.86
CA LYS A 22 -18.13 25.42 16.95
C LYS A 22 -19.14 26.47 16.49
N GLN A 23 -18.66 27.59 15.95
CA GLN A 23 -19.56 28.69 15.52
C GLN A 23 -20.53 28.16 14.47
N GLU A 24 -20.05 27.26 13.60
CA GLU A 24 -20.91 26.71 12.51
C GLU A 24 -21.94 25.75 13.12
N HIS A 25 -21.72 25.34 14.37
CA HIS A 25 -22.66 24.41 15.04
C HIS A 25 -23.04 24.96 16.41
N GLU A 26 -23.14 26.30 16.53
CA GLU A 26 -23.41 26.93 17.85
C GLU A 26 -24.75 26.42 18.40
N THR A 27 -25.62 25.89 17.54
CA THR A 27 -26.98 25.47 18.00
C THR A 27 -26.97 24.00 18.41
N SER A 28 -25.79 23.44 18.72
CA SER A 28 -25.69 22.01 19.13
C SER A 28 -24.41 21.78 19.92
N TRP A 29 -23.65 22.84 20.23
CA TRP A 29 -22.32 22.64 20.89
C TRP A 29 -22.51 22.15 22.33
N HIS A 30 -22.17 20.88 22.59
CA HIS A 30 -22.29 20.32 23.96
C HIS A 30 -20.95 19.72 24.42
N TYR A 31 -20.47 20.10 25.60
CA TYR A 31 -19.21 19.52 26.14
C TYR A 31 -19.53 18.20 26.85
N ASP A 32 -19.92 17.18 26.08
CA ASP A 32 -20.33 15.88 26.69
C ASP A 32 -19.29 15.48 27.75
N GLN A 33 -19.77 15.08 28.93
CA GLN A 33 -18.85 14.71 30.03
C GLN A 33 -18.66 13.20 30.05
N ASP A 34 -19.44 12.48 29.22
CA ASP A 34 -19.32 11.01 29.14
C ASP A 34 -18.52 10.62 27.89
N HIS A 35 -17.72 11.55 27.37
CA HIS A 35 -16.92 11.27 26.14
C HIS A 35 -15.93 10.14 26.43
N PRO A 36 -15.68 9.21 25.48
CA PRO A 36 -14.82 8.06 25.73
C PRO A 36 -13.36 8.27 25.33
N TYR A 37 -12.82 9.49 25.49
CA TYR A 37 -11.45 9.76 24.99
C TYR A 37 -10.47 9.86 26.17
N LYS A 38 -9.31 9.20 26.04
CA LYS A 38 -8.27 9.28 27.10
C LYS A 38 -6.98 9.84 26.49
N THR A 39 -6.55 9.30 25.35
CA THR A 39 -5.27 9.74 24.73
C THR A 39 -5.53 10.88 23.74
N TRP A 40 -6.78 11.05 23.29
CA TRP A 40 -7.14 12.13 22.34
C TRP A 40 -7.79 13.29 23.10
N ALA A 41 -7.31 14.51 22.89
CA ALA A 41 -7.89 15.69 23.57
C ALA A 41 -9.30 15.94 23.04
N TYR A 42 -10.29 16.00 23.94
CA TYR A 42 -11.69 16.29 23.54
C TYR A 42 -11.92 17.80 23.70
N HIS A 43 -12.41 18.45 22.65
CA HIS A 43 -12.58 19.93 22.70
C HIS A 43 -14.08 20.27 22.76
N GLY A 44 -14.93 19.36 22.28
CA GLY A 44 -16.38 19.61 22.30
C GLY A 44 -17.14 18.67 21.39
N SER A 45 -18.46 18.83 21.30
CA SER A 45 -19.30 17.92 20.48
C SER A 45 -20.48 18.67 19.87
N TYR A 46 -21.12 18.08 18.85
CA TYR A 46 -22.30 18.69 18.17
C TYR A 46 -23.13 17.60 17.48
N GLU A 47 -24.38 17.93 17.12
CA GLU A 47 -25.40 16.98 16.59
C GLU A 47 -25.11 16.64 15.13
N THR A 48 -25.31 15.38 14.73
CA THR A 48 -25.08 14.86 13.35
C THR A 48 -26.00 13.66 13.08
N LYS A 49 -25.88 13.08 11.87
CA LYS A 49 -26.62 11.86 11.44
C LYS A 49 -25.90 11.23 10.24
N SER A 56 -20.31 -3.84 1.48
CA SER A 56 -19.67 -4.88 0.63
C SER A 56 -20.73 -5.60 -0.22
N MET A 57 -20.73 -5.33 -1.53
CA MET A 57 -21.71 -5.87 -2.53
C MET A 57 -21.02 -6.99 -3.33
N VAL A 58 -21.77 -8.01 -3.74
CA VAL A 58 -21.22 -9.16 -4.52
C VAL A 58 -21.28 -8.84 -6.02
N ASN A 59 -20.18 -9.11 -6.72
CA ASN A 59 -20.08 -9.10 -8.20
C ASN A 59 -20.68 -10.41 -8.75
N GLY A 60 -21.87 -10.32 -9.34
CA GLY A 60 -22.61 -11.47 -9.89
C GLY A 60 -21.87 -12.15 -11.04
N VAL A 61 -21.19 -11.38 -11.88
CA VAL A 61 -20.48 -11.93 -13.06
C VAL A 61 -19.40 -12.89 -12.57
N VAL A 62 -18.56 -12.47 -11.61
CA VAL A 62 -17.47 -13.32 -11.04
C VAL A 62 -18.09 -14.49 -10.27
N ARG A 63 -19.09 -14.25 -9.43
CA ARG A 63 -19.70 -15.33 -8.61
C ARG A 63 -20.33 -16.41 -9.50
N LEU A 64 -21.08 -16.05 -10.54
CA LEU A 64 -21.75 -17.06 -11.42
C LEU A 64 -20.68 -17.90 -12.14
N LEU A 65 -19.46 -17.39 -12.33
CA LEU A 65 -18.39 -18.11 -13.06
C LEU A 65 -17.39 -18.76 -12.08
N THR A 66 -17.68 -18.72 -10.78
CA THR A 66 -16.87 -19.37 -9.72
C THR A 66 -17.81 -20.15 -8.78
N LYS A 67 -18.63 -21.06 -9.34
CA LYS A 67 -19.67 -21.79 -8.59
C LYS A 67 -19.07 -22.70 -7.52
N PRO A 68 -17.99 -23.48 -7.75
CA PRO A 68 -17.46 -24.37 -6.71
C PRO A 68 -17.18 -23.64 -5.38
N TRP A 69 -16.86 -22.34 -5.45
CA TRP A 69 -16.47 -21.52 -4.28
C TRP A 69 -17.70 -20.98 -3.53
N ASP A 70 -18.90 -21.29 -3.99
CA ASP A 70 -20.16 -20.90 -3.32
C ASP A 70 -20.31 -21.65 -1.97
N ILE A 71 -19.55 -22.73 -1.77
CA ILE A 71 -19.68 -23.62 -0.58
C ILE A 71 -18.39 -23.59 0.25
N ILE A 72 -17.43 -22.71 -0.09
CA ILE A 72 -16.14 -22.52 0.64
C ILE A 72 -16.31 -21.34 1.58
N PRO A 73 -16.47 -21.58 2.91
CA PRO A 73 -16.66 -20.50 3.89
C PRO A 73 -15.63 -19.37 3.82
N MET A 74 -14.36 -19.69 3.62
CA MET A 74 -13.31 -18.64 3.54
C MET A 74 -13.72 -17.63 2.46
N VAL A 75 -14.21 -18.10 1.30
CA VAL A 75 -14.63 -17.21 0.16
C VAL A 75 -15.93 -16.48 0.54
N THR A 76 -16.96 -17.21 0.97
CA THR A 76 -18.32 -16.68 1.16
C THR A 76 -18.34 -15.68 2.31
N GLN A 77 -17.55 -15.91 3.37
CA GLN A 77 -17.59 -15.09 4.61
C GLN A 77 -16.94 -13.73 4.35
N MET A 78 -16.03 -13.63 3.37
CA MET A 78 -15.34 -12.35 3.03
C MET A 78 -16.34 -11.29 2.56
N ALA A 79 -17.48 -11.69 1.97
CA ALA A 79 -18.48 -10.76 1.41
C ALA A 79 -19.49 -10.30 2.49
N MET A 80 -19.46 -10.87 3.69
CA MET A 80 -20.45 -10.57 4.76
C MET A 80 -19.89 -9.47 5.69
N THR A 81 -20.75 -8.53 6.12
CA THR A 81 -20.40 -7.51 7.14
C THR A 81 -21.38 -6.34 7.14
N GLU A 94 -9.32 0.66 19.41
CA GLU A 94 -8.74 0.69 20.79
C GLU A 94 -7.24 0.97 20.70
N LYS A 95 -6.58 0.42 19.68
CA LYS A 95 -5.14 0.72 19.47
C LYS A 95 -4.98 2.21 19.21
N VAL A 96 -5.95 2.82 18.50
CA VAL A 96 -5.86 4.26 18.16
C VAL A 96 -5.82 5.08 19.45
N ASP A 97 -6.72 4.78 20.39
CA ASP A 97 -6.78 5.57 21.65
C ASP A 97 -5.71 5.04 22.61
N THR A 98 -4.43 5.05 22.19
CA THR A 98 -3.32 4.61 23.07
C THR A 98 -2.20 5.64 23.04
N ARG A 99 -1.27 5.59 24.01
CA ARG A 99 -0.13 6.54 24.06
C ARG A 99 1.13 5.86 23.52
N THR A 100 2.22 6.63 23.37
CA THR A 100 3.51 6.07 22.89
C THR A 100 4.65 6.70 23.68
N GLN A 101 5.17 5.99 24.67
CA GLN A 101 6.27 6.50 25.53
C GLN A 101 7.31 7.21 24.64
N GLU A 102 7.80 8.36 25.09
CA GLU A 102 8.89 9.13 24.43
C GLU A 102 10.15 8.27 24.43
N PRO A 103 10.81 8.11 23.26
CA PRO A 103 12.04 7.31 23.16
C PRO A 103 13.08 7.85 24.15
N LYS A 104 14.09 7.04 24.48
CA LYS A 104 15.27 7.43 25.30
C LYS A 104 16.14 8.39 24.48
N GLU A 105 17.10 9.06 25.13
CA GLU A 105 17.96 10.09 24.52
C GLU A 105 18.82 9.48 23.41
N GLY A 106 19.46 8.35 23.69
CA GLY A 106 20.30 7.60 22.75
C GLY A 106 19.50 7.18 21.52
N THR A 107 18.25 6.75 21.70
CA THR A 107 17.33 6.36 20.60
C THR A 107 17.05 7.58 19.70
N LYS A 108 16.64 8.69 20.31
CA LYS A 108 16.38 10.01 19.63
C LYS A 108 17.58 10.49 18.78
N LYS A 109 18.80 10.32 19.28
CA LYS A 109 20.01 10.75 18.53
C LYS A 109 20.24 9.80 17.34
N LEU A 110 20.09 8.49 17.57
CA LEU A 110 20.30 7.47 16.50
C LEU A 110 19.32 7.77 15.36
N MET A 111 18.09 8.13 15.70
CA MET A 111 17.00 8.40 14.74
C MET A 111 17.30 9.74 14.02
N LYS A 112 17.76 10.77 14.75
CA LYS A 112 18.06 12.11 14.18
C LYS A 112 19.24 11.97 13.19
N ILE A 113 20.31 11.31 13.60
CA ILE A 113 21.51 11.11 12.72
C ILE A 113 21.12 10.32 11.48
N THR A 114 20.27 9.29 11.66
CA THR A 114 19.92 8.33 10.57
C THR A 114 19.03 9.03 9.54
N ALA A 115 18.03 9.76 10.02
CA ALA A 115 17.08 10.56 9.23
C ALA A 115 17.82 11.63 8.38
N GLU A 116 18.68 12.41 9.02
CA GLU A 116 19.51 13.42 8.33
C GLU A 116 20.27 12.71 7.19
N TRP A 117 20.91 11.60 7.47
CA TRP A 117 21.73 10.90 6.46
C TRP A 117 20.81 10.39 5.33
N LEU A 118 19.60 9.96 5.68
CA LEU A 118 18.74 9.24 4.71
C LEU A 118 18.12 10.25 3.73
N TRP A 119 17.60 11.37 4.23
CA TRP A 119 17.08 12.48 3.37
C TRP A 119 18.18 12.96 2.40
N LYS A 120 19.42 13.10 2.86
CA LYS A 120 20.55 13.45 1.96
C LYS A 120 20.73 12.37 0.90
N GLU A 121 20.70 11.09 1.23
CA GLU A 121 20.89 10.06 0.18
C GLU A 121 19.73 10.10 -0.81
N LEU A 122 18.49 10.31 -0.32
CA LEU A 122 17.29 10.20 -1.20
C LEU A 122 17.34 11.41 -2.13
N GLY A 123 17.95 12.51 -1.64
CA GLY A 123 18.01 13.82 -2.31
C GLY A 123 19.18 13.95 -3.26
N LYS A 124 20.12 13.02 -3.24
CA LYS A 124 21.33 13.12 -4.11
C LYS A 124 20.94 13.30 -5.58
N LYS A 125 19.96 12.55 -6.07
CA LYS A 125 19.60 12.50 -7.51
C LYS A 125 18.16 13.00 -7.70
N LYS A 126 17.59 13.72 -6.74
CA LYS A 126 16.20 14.23 -6.84
C LYS A 126 16.21 15.68 -6.38
N THR A 127 15.22 16.43 -6.85
CA THR A 127 15.04 17.86 -6.55
C THR A 127 13.65 18.04 -5.98
N PRO A 128 13.50 18.39 -4.70
CA PRO A 128 12.18 18.70 -4.19
C PRO A 128 11.54 19.80 -5.05
N ARG A 129 10.24 19.70 -5.29
CA ARG A 129 9.50 20.69 -6.11
C ARG A 129 8.02 20.64 -5.77
N MET A 130 7.33 21.76 -6.01
CA MET A 130 5.88 21.89 -5.75
C MET A 130 5.14 21.11 -6.82
N CYS A 131 4.02 20.47 -6.46
CA CYS A 131 3.12 19.82 -7.43
C CYS A 131 2.07 20.89 -7.78
N THR A 132 1.39 20.77 -8.93
CA THR A 132 0.62 21.91 -9.51
C THR A 132 -0.88 21.63 -9.57
N ARG A 133 -1.69 22.69 -9.55
CA ARG A 133 -3.16 22.65 -9.72
C ARG A 133 -3.49 21.86 -10.98
N GLU A 134 -2.68 22.03 -12.03
CA GLU A 134 -2.78 21.28 -13.31
C GLU A 134 -2.62 19.79 -13.01
N GLU A 135 -1.49 19.39 -12.41
CA GLU A 135 -1.21 17.96 -12.06
C GLU A 135 -2.35 17.42 -11.21
N PHE A 136 -2.79 18.18 -10.20
CA PHE A 136 -3.87 17.79 -9.26
C PHE A 136 -5.19 17.60 -10.02
N THR A 137 -5.52 18.52 -10.93
CA THR A 137 -6.78 18.50 -11.72
C THR A 137 -6.82 17.24 -12.59
N ARG A 138 -5.76 17.00 -13.36
CA ARG A 138 -5.66 15.84 -14.28
C ARG A 138 -5.83 14.55 -13.46
N LYS A 139 -5.24 14.50 -12.27
CA LYS A 139 -5.29 13.30 -11.38
C LYS A 139 -6.73 13.01 -10.93
N VAL A 140 -7.45 14.04 -10.50
CA VAL A 140 -8.86 13.92 -9.99
C VAL A 140 -9.78 13.58 -11.17
N ARG A 141 -9.46 14.07 -12.37
CA ARG A 141 -10.28 13.81 -13.60
C ARG A 141 -9.98 12.44 -14.22
N SER A 142 -9.17 11.62 -13.54
CA SER A 142 -8.81 10.23 -13.95
C SER A 142 -8.86 9.29 -12.74
N ASN A 143 -9.49 9.75 -11.65
CA ASN A 143 -9.61 9.01 -10.36
C ASN A 143 -8.21 8.82 -9.76
N TRP A 156 -20.36 21.46 -3.88
CA TRP A 156 -19.96 20.63 -5.06
C TRP A 156 -20.32 19.17 -4.80
N LYS A 157 -20.71 18.44 -5.85
CA LYS A 157 -21.03 17.00 -5.71
C LYS A 157 -19.72 16.21 -5.72
N SER A 158 -19.17 15.98 -6.92
CA SER A 158 -17.89 15.25 -7.05
C SER A 158 -16.73 16.23 -6.94
N ALA A 159 -15.50 15.71 -6.81
CA ALA A 159 -14.30 16.58 -6.72
C ALA A 159 -14.04 17.20 -8.10
N ARG A 160 -14.42 16.49 -9.16
CA ARG A 160 -14.18 16.99 -10.54
C ARG A 160 -14.88 18.35 -10.71
N GLU A 161 -16.11 18.47 -10.20
CA GLU A 161 -16.85 19.75 -10.30
C GLU A 161 -16.07 20.84 -9.57
N ALA A 162 -15.61 20.55 -8.34
CA ALA A 162 -14.89 21.57 -7.54
C ALA A 162 -13.60 21.97 -8.28
N VAL A 163 -12.91 21.00 -8.88
CA VAL A 163 -11.62 21.28 -9.58
C VAL A 163 -11.90 22.23 -10.76
N GLU A 164 -13.13 22.25 -11.24
CA GLU A 164 -13.50 23.11 -12.39
C GLU A 164 -14.13 24.41 -11.88
N ASP A 165 -14.37 24.51 -10.57
CA ASP A 165 -14.99 25.72 -9.98
C ASP A 165 -13.91 26.63 -9.40
N SER A 166 -13.90 27.90 -9.82
CA SER A 166 -12.83 28.84 -9.38
C SER A 166 -13.01 29.24 -7.91
N GLY A 167 -14.24 29.18 -7.40
CA GLY A 167 -14.47 29.51 -5.97
C GLY A 167 -13.65 28.60 -5.08
N PHE A 168 -13.56 27.32 -5.43
CA PHE A 168 -12.76 26.34 -4.65
C PHE A 168 -11.31 26.80 -4.60
N TRP A 169 -10.75 27.12 -5.77
CA TRP A 169 -9.32 27.56 -5.83
C TRP A 169 -9.16 28.87 -5.06
N GLU A 170 -10.24 29.65 -4.96
CA GLU A 170 -10.18 30.90 -4.14
C GLU A 170 -10.13 30.51 -2.67
N LEU A 171 -10.94 29.53 -2.27
CA LEU A 171 -10.91 29.03 -0.87
C LEU A 171 -9.50 28.51 -0.59
N VAL A 172 -8.93 27.77 -1.54
CA VAL A 172 -7.56 27.19 -1.40
C VAL A 172 -6.56 28.32 -1.14
N ASP A 173 -6.57 29.35 -2.00
CA ASP A 173 -5.63 30.50 -1.94
C ASP A 173 -5.69 31.13 -0.54
N LYS A 174 -6.89 31.27 0.01
CA LYS A 174 -7.09 31.88 1.35
C LYS A 174 -6.29 31.07 2.37
N GLU A 175 -6.59 29.76 2.49
CA GLU A 175 -5.90 28.83 3.43
C GLU A 175 -4.40 28.89 3.16
N ARG A 176 -4.00 28.83 1.89
CA ARG A 176 -2.57 28.85 1.47
C ARG A 176 -1.89 30.06 2.14
N ASN A 177 -2.35 31.28 1.84
CA ASN A 177 -1.81 32.54 2.41
C ASN A 177 -1.81 32.44 3.94
N LEU A 178 -2.85 31.83 4.52
CA LEU A 178 -2.92 31.53 5.97
C LEU A 178 -1.70 30.70 6.38
N HIS A 179 -1.46 29.58 5.67
CA HIS A 179 -0.32 28.66 5.92
C HIS A 179 0.99 29.43 5.84
N LEU A 180 1.10 30.36 4.89
CA LEU A 180 2.31 31.21 4.69
C LEU A 180 2.53 32.07 5.95
N GLU A 181 1.45 32.35 6.69
CA GLU A 181 1.49 33.11 7.98
C GLU A 181 1.82 32.17 9.15
N GLY A 182 1.57 30.86 8.98
CA GLY A 182 1.72 29.87 10.07
C GLY A 182 0.42 29.69 10.82
N LYS A 183 -0.70 29.76 10.11
CA LYS A 183 -2.08 29.63 10.66
C LYS A 183 -2.89 28.69 9.76
N CYS A 184 -3.96 28.10 10.31
CA CYS A 184 -4.80 27.07 9.63
C CYS A 184 -6.27 27.21 10.06
N GLU A 185 -7.21 27.01 9.13
CA GLU A 185 -8.65 27.31 9.33
C GLU A 185 -9.50 26.09 8.94
N THR A 186 -9.14 25.37 7.87
CA THR A 186 -10.04 24.40 7.20
C THR A 186 -9.42 22.99 7.08
N CYS A 187 -8.17 22.80 7.50
CA CYS A 187 -7.45 21.50 7.34
C CYS A 187 -7.77 20.59 8.53
N VAL A 188 -8.89 19.88 8.45
CA VAL A 188 -9.48 19.04 9.53
C VAL A 188 -9.70 17.62 9.02
N TYR A 189 -9.24 16.62 9.78
CA TYR A 189 -9.36 15.18 9.43
C TYR A 189 -10.79 14.69 9.67
N ASN A 190 -11.48 14.29 8.61
CA ASN A 190 -12.91 13.87 8.66
C ASN A 190 -12.98 12.35 8.54
N MET A 191 -13.23 11.67 9.68
CA MET A 191 -13.35 10.19 9.76
C MET A 191 -14.75 9.78 9.35
N MET A 192 -15.01 8.46 9.32
CA MET A 192 -16.32 7.86 8.96
C MET A 192 -16.39 6.43 9.52
N ILE A 211 -8.95 5.48 8.56
CA ILE A 211 -8.70 6.41 7.42
C ILE A 211 -9.51 7.70 7.65
N TRP A 212 -8.82 8.83 7.83
CA TRP A 212 -9.44 10.18 7.99
C TRP A 212 -9.37 10.93 6.66
N TYR A 213 -10.53 11.15 6.02
CA TYR A 213 -10.70 12.03 4.83
C TYR A 213 -10.64 13.50 5.27
N MET A 214 -9.89 14.32 4.53
CA MET A 214 -9.90 15.81 4.64
C MET A 214 -10.64 16.38 3.43
N TRP A 215 -10.97 17.68 3.44
CA TRP A 215 -11.61 18.37 2.30
C TRP A 215 -10.60 18.53 1.16
N LEU A 216 -11.04 18.38 -0.09
CA LEU A 216 -10.20 18.30 -1.30
C LEU A 216 -9.11 19.39 -1.26
N GLY A 217 -9.47 20.61 -0.90
CA GLY A 217 -8.56 21.77 -0.87
C GLY A 217 -7.35 21.49 0.00
N ALA A 218 -7.58 21.00 1.22
CA ALA A 218 -6.52 20.57 2.17
C ALA A 218 -5.65 19.51 1.50
N ARG A 219 -6.27 18.54 0.81
CA ARG A 219 -5.55 17.47 0.06
C ARG A 219 -4.64 18.15 -0.96
N PHE A 220 -5.15 19.15 -1.69
CA PHE A 220 -4.36 19.89 -2.72
C PHE A 220 -3.10 20.48 -2.07
N LEU A 221 -3.25 21.15 -0.93
CA LEU A 221 -2.14 21.80 -0.21
C LEU A 221 -1.10 20.73 0.17
N GLU A 222 -1.55 19.56 0.62
CA GLU A 222 -0.68 18.40 0.96
C GLU A 222 0.10 17.98 -0.29
N PHE A 223 -0.61 17.73 -1.40
CA PHE A 223 -0.06 17.34 -2.73
C PHE A 223 0.95 18.40 -3.20
N GLU A 224 0.54 19.67 -3.18
CA GLU A 224 1.35 20.83 -3.66
C GLU A 224 2.73 20.79 -2.98
N ALA A 225 2.74 20.53 -1.67
CA ALA A 225 3.94 20.64 -0.81
C ALA A 225 4.69 19.30 -0.77
N LEU A 226 3.98 18.17 -0.76
CA LEU A 226 4.60 16.82 -0.51
C LEU A 226 4.43 15.77 -1.61
N GLY A 227 3.60 16.06 -2.61
CA GLY A 227 3.27 15.15 -3.73
C GLY A 227 4.51 14.71 -4.48
N PHE A 228 5.56 15.53 -4.45
CA PHE A 228 6.83 15.21 -5.16
C PHE A 228 7.35 13.85 -4.72
N LEU A 229 7.14 13.45 -3.45
CA LEU A 229 7.74 12.19 -2.93
C LEU A 229 7.22 11.01 -3.75
N ASN A 230 5.93 11.01 -4.04
CA ASN A 230 5.28 9.98 -4.89
C ASN A 230 5.49 10.25 -6.38
N GLU A 231 5.12 11.46 -6.83
CA GLU A 231 5.11 11.88 -8.26
C GLU A 231 6.50 11.67 -8.87
N ASP A 232 7.57 11.97 -8.11
CA ASP A 232 8.97 11.89 -8.59
C ASP A 232 9.69 10.65 -8.03
N HIS A 233 8.98 9.72 -7.41
CA HIS A 233 9.49 8.34 -7.16
C HIS A 233 10.70 8.37 -6.22
N TRP A 234 10.60 9.09 -5.12
CA TRP A 234 11.70 9.16 -4.12
C TRP A 234 11.94 7.76 -3.52
N PHE A 235 10.91 6.91 -3.42
CA PHE A 235 11.03 5.54 -2.84
C PHE A 235 11.09 4.47 -3.94
N SER A 236 11.57 4.84 -5.11
CA SER A 236 11.86 3.83 -6.16
C SER A 236 13.05 3.02 -5.65
N ARG A 237 13.25 1.80 -6.16
CA ARG A 237 14.44 1.02 -5.74
C ARG A 237 15.72 1.70 -6.23
N GLU A 238 15.70 2.25 -7.46
CA GLU A 238 16.91 2.88 -8.03
C GLU A 238 17.37 4.03 -7.13
N ASN A 239 16.42 4.79 -6.59
CA ASN A 239 16.77 5.98 -5.77
C ASN A 239 16.94 5.65 -4.28
N SER A 240 16.12 4.77 -3.72
CA SER A 240 16.13 4.50 -2.25
C SER A 240 16.88 3.20 -1.89
N LEU A 241 17.06 2.28 -2.84
CA LEU A 241 17.80 1.00 -2.62
C LEU A 241 16.95 -0.02 -1.83
N SER A 242 16.24 0.41 -0.80
CA SER A 242 15.38 -0.48 0.03
C SER A 242 13.94 -0.44 -0.49
N GLY A 243 13.55 0.65 -1.13
CA GLY A 243 12.16 0.84 -1.56
C GLY A 243 11.73 0.02 -2.75
N VAL A 244 10.43 0.02 -3.03
CA VAL A 244 9.85 -0.76 -4.16
C VAL A 244 8.71 0.03 -4.82
N GLU A 245 8.63 1.35 -4.59
CA GLU A 245 7.50 2.16 -5.14
C GLU A 245 7.56 2.07 -6.67
N GLY A 246 6.41 1.75 -7.28
CA GLY A 246 6.29 1.67 -8.75
C GLY A 246 6.82 0.37 -9.33
N GLU A 247 7.26 -0.57 -8.51
CA GLU A 247 7.90 -1.79 -9.05
C GLU A 247 6.86 -2.74 -9.67
N GLY A 248 5.80 -3.09 -8.94
CA GLY A 248 4.84 -4.07 -9.49
C GLY A 248 4.99 -5.44 -8.83
N LEU A 249 3.90 -6.20 -8.80
N LEU A 249 3.89 -6.20 -8.78
CA LEU A 249 3.93 -7.54 -8.14
CA LEU A 249 3.92 -7.54 -8.15
C LEU A 249 4.81 -8.50 -8.95
C LEU A 249 4.83 -8.48 -8.94
N HIS A 250 4.90 -8.28 -10.26
CA HIS A 250 5.74 -9.14 -11.14
C HIS A 250 7.23 -8.88 -10.93
N LYS A 251 7.59 -7.90 -10.10
CA LYS A 251 9.00 -7.53 -9.87
C LYS A 251 9.40 -7.83 -8.42
N LEU A 252 8.44 -7.83 -7.50
CA LEU A 252 8.74 -8.00 -6.05
C LEU A 252 9.46 -9.32 -5.77
N GLY A 253 9.02 -10.41 -6.39
CA GLY A 253 9.67 -11.72 -6.18
C GLY A 253 11.12 -11.70 -6.65
N TYR A 254 11.36 -11.11 -7.81
CA TYR A 254 12.74 -10.99 -8.32
C TYR A 254 13.62 -10.15 -7.38
N ILE A 255 13.03 -9.11 -6.79
CA ILE A 255 13.75 -8.23 -5.85
C ILE A 255 14.12 -9.05 -4.59
N LEU A 256 13.18 -9.78 -4.01
CA LEU A 256 13.42 -10.67 -2.83
C LEU A 256 14.50 -11.71 -3.16
N ARG A 257 14.47 -12.27 -4.38
CA ARG A 257 15.51 -13.23 -4.83
C ARG A 257 16.88 -12.55 -4.88
N ASP A 258 16.97 -11.30 -5.34
CA ASP A 258 18.27 -10.58 -5.42
C ASP A 258 18.77 -10.26 -4.00
N VAL A 259 17.88 -9.94 -3.06
CA VAL A 259 18.26 -9.76 -1.65
C VAL A 259 18.83 -11.07 -1.11
N SER A 260 18.19 -12.21 -1.41
CA SER A 260 18.65 -13.56 -1.01
C SER A 260 20.11 -13.77 -1.43
N LYS A 261 20.46 -13.33 -2.64
CA LYS A 261 21.81 -13.49 -3.25
C LYS A 261 22.89 -13.02 -2.26
N LYS A 262 22.57 -12.00 -1.45
CA LYS A 262 23.52 -11.32 -0.54
C LYS A 262 23.93 -12.26 0.60
N GLU A 263 25.23 -12.45 0.79
CA GLU A 263 25.78 -13.12 2.00
C GLU A 263 25.15 -12.46 3.22
N GLY A 264 24.74 -13.26 4.21
CA GLY A 264 24.11 -12.79 5.44
C GLY A 264 23.37 -13.89 6.17
N GLY A 265 22.48 -13.53 7.08
CA GLY A 265 21.76 -14.54 7.86
C GLY A 265 20.39 -14.82 7.26
N ALA A 266 19.44 -15.19 8.09
CA ALA A 266 18.07 -15.47 7.65
C ALA A 266 17.48 -14.18 7.10
N MET A 267 16.31 -14.28 6.47
CA MET A 267 15.52 -13.11 6.01
C MET A 267 14.39 -12.89 7.01
N TYR A 268 14.34 -11.70 7.61
CA TYR A 268 13.40 -11.32 8.68
C TYR A 268 12.32 -10.46 8.08
N ALA A 269 11.11 -10.73 8.51
CA ALA A 269 9.91 -10.06 8.02
C ALA A 269 8.97 -9.89 9.19
N ASP A 270 9.36 -9.05 10.14
CA ASP A 270 8.49 -8.74 11.31
C ASP A 270 7.53 -7.62 10.92
N ASP A 271 6.26 -7.87 11.19
CA ASP A 271 5.24 -6.83 11.01
C ASP A 271 5.13 -6.06 12.32
N THR A 272 4.88 -4.75 12.24
CA THR A 272 4.66 -3.94 13.45
C THR A 272 3.17 -3.98 13.76
N ALA A 273 2.80 -3.96 15.04
CA ALA A 273 1.38 -3.88 15.42
C ALA A 273 0.91 -2.42 15.34
N GLY A 274 -0.08 -2.13 14.50
CA GLY A 274 -0.61 -0.76 14.35
C GLY A 274 0.46 0.29 14.09
N TRP A 275 1.22 0.16 13.00
CA TRP A 275 2.33 1.10 12.70
C TRP A 275 1.89 2.55 12.80
N ASP A 276 0.78 2.92 12.18
CA ASP A 276 0.31 4.33 12.15
C ASP A 276 0.07 4.82 13.58
N THR A 277 -0.39 3.95 14.48
CA THR A 277 -0.62 4.31 15.90
C THR A 277 0.71 4.44 16.64
N ARG A 278 1.80 3.89 16.10
CA ARG A 278 3.12 3.89 16.79
C ARG A 278 4.00 5.03 16.24
N ILE A 279 3.45 5.88 15.39
CA ILE A 279 4.17 7.05 14.82
C ILE A 279 4.28 8.12 15.92
N THR A 280 5.50 8.35 16.40
CA THR A 280 5.81 9.28 17.52
C THR A 280 5.83 10.72 16.97
N LEU A 281 6.07 11.70 17.85
CA LEU A 281 6.33 13.11 17.45
C LEU A 281 7.73 13.20 16.87
N GLU A 282 8.70 12.52 17.50
CA GLU A 282 10.13 12.58 17.10
C GLU A 282 10.29 11.92 15.72
N ASP A 283 9.43 10.94 15.41
CA ASP A 283 9.30 10.38 14.05
C ASP A 283 8.86 11.51 13.10
N LEU A 284 7.75 12.16 13.43
CA LEU A 284 7.16 13.29 12.62
C LEU A 284 8.17 14.43 12.41
N LYS A 285 9.00 14.70 13.41
CA LYS A 285 10.04 15.76 13.37
C LYS A 285 11.22 15.29 12.51
N ASN A 286 11.53 14.00 12.52
CA ASN A 286 12.60 13.45 11.64
C ASN A 286 12.13 13.46 10.17
N GLU A 287 10.84 13.23 9.92
CA GLU A 287 10.21 13.27 8.56
C GLU A 287 10.26 14.71 8.00
N GLU A 288 9.97 15.70 8.86
CA GLU A 288 9.95 17.15 8.53
C GLU A 288 11.31 17.62 8.00
N MET A 289 12.41 16.98 8.41
CA MET A 289 13.77 17.36 7.96
C MET A 289 13.88 17.30 6.44
N VAL A 290 12.91 16.70 5.74
CA VAL A 290 12.88 16.78 4.24
C VAL A 290 12.83 18.27 3.84
N THR A 291 12.15 19.14 4.61
CA THR A 291 12.06 20.60 4.31
C THR A 291 13.42 21.29 4.25
N ASN A 292 14.42 20.76 4.96
CA ASN A 292 15.80 21.33 4.99
C ASN A 292 16.52 21.05 3.65
N HIS A 293 15.82 20.46 2.69
CA HIS A 293 16.32 20.25 1.31
C HIS A 293 15.51 21.09 0.31
N MET A 294 14.60 21.91 0.82
CA MET A 294 13.67 22.75 0.02
C MET A 294 14.15 24.20 0.09
N GLU A 295 13.53 25.07 -0.71
CA GLU A 295 13.86 26.52 -0.80
C GLU A 295 12.59 27.34 -0.98
N GLY A 296 12.66 28.63 -0.64
CA GLY A 296 11.62 29.64 -0.94
C GLY A 296 10.26 29.24 -0.39
N GLU A 297 9.21 29.54 -1.16
CA GLU A 297 7.79 29.33 -0.77
C GLU A 297 7.56 27.86 -0.44
N HIS A 298 8.08 26.95 -1.26
CA HIS A 298 7.90 25.48 -1.11
C HIS A 298 8.26 25.10 0.33
N LYS A 299 9.49 25.40 0.75
CA LYS A 299 9.96 25.14 2.13
C LYS A 299 8.86 25.55 3.11
N LYS A 300 8.40 26.81 3.04
CA LYS A 300 7.41 27.39 3.99
C LYS A 300 6.12 26.58 3.93
N LEU A 301 5.64 26.28 2.73
CA LEU A 301 4.39 25.50 2.50
C LEU A 301 4.52 24.12 3.15
N ALA A 302 5.59 23.38 2.84
CA ALA A 302 5.89 22.03 3.39
C ALA A 302 5.94 22.12 4.93
N GLU A 303 6.64 23.13 5.46
CA GLU A 303 6.80 23.36 6.92
C GLU A 303 5.41 23.51 7.56
N ALA A 304 4.48 24.18 6.86
CA ALA A 304 3.12 24.45 7.36
C ALA A 304 2.31 23.15 7.41
N ILE A 305 2.44 22.31 6.37
CA ILE A 305 1.77 20.98 6.35
C ILE A 305 2.24 20.17 7.57
N PHE A 306 3.56 20.10 7.80
CA PHE A 306 4.19 19.31 8.89
C PHE A 306 3.74 19.86 10.25
N LYS A 307 3.98 21.16 10.54
CA LYS A 307 3.59 21.84 11.82
C LYS A 307 2.08 21.79 12.04
N LEU A 308 1.27 22.16 11.06
CA LEU A 308 -0.13 22.51 11.37
C LEU A 308 -1.08 21.33 11.11
N THR A 309 -0.77 20.42 10.20
CA THR A 309 -1.73 19.32 9.84
C THR A 309 -1.20 17.94 10.28
N TYR A 310 0.09 17.73 10.51
CA TYR A 310 0.68 16.39 10.82
C TYR A 310 1.04 16.35 12.31
N GLN A 311 1.81 17.33 12.82
CA GLN A 311 2.28 17.44 14.22
C GLN A 311 1.23 18.11 15.12
N ASN A 312 0.09 18.53 14.55
CA ASN A 312 -1.10 19.06 15.29
C ASN A 312 -2.36 18.80 14.46
N LYS A 313 -3.21 17.85 14.86
CA LYS A 313 -4.34 17.36 14.03
C LYS A 313 -5.68 17.65 14.71
N VAL A 314 -6.72 17.93 13.93
CA VAL A 314 -8.10 18.13 14.43
C VAL A 314 -8.92 17.18 13.58
N VAL A 315 -9.74 16.35 14.23
CA VAL A 315 -10.50 15.24 13.60
C VAL A 315 -11.96 15.30 14.05
N ARG A 316 -12.88 14.91 13.16
CA ARG A 316 -14.34 14.82 13.45
C ARG A 316 -14.74 13.34 13.41
N VAL A 317 -15.16 12.79 14.55
CA VAL A 317 -15.48 11.34 14.71
C VAL A 317 -16.97 11.13 15.00
N GLN A 318 -17.61 10.24 14.24
CA GLN A 318 -19.03 9.81 14.41
C GLN A 318 -19.15 8.97 15.69
N ARG A 319 -19.93 9.44 16.67
CA ARG A 319 -20.21 8.69 17.94
C ARG A 319 -21.73 8.51 18.09
N PRO A 320 -22.25 7.25 18.09
CA PRO A 320 -23.70 7.02 18.12
C PRO A 320 -24.45 7.68 19.29
N THR A 321 -24.04 7.38 20.52
CA THR A 321 -24.68 7.85 21.78
C THR A 321 -25.37 9.20 21.53
N THR A 325 -26.88 10.41 18.17
CA THR A 325 -25.68 10.56 17.30
C THR A 325 -25.07 11.95 17.48
N VAL A 326 -23.76 12.01 17.73
CA VAL A 326 -22.98 13.29 17.83
C VAL A 326 -21.65 13.11 17.11
N MET A 327 -21.08 14.23 16.62
CA MET A 327 -19.72 14.30 16.03
C MET A 327 -18.81 14.95 17.08
N ASP A 328 -17.68 14.31 17.42
CA ASP A 328 -16.73 14.78 18.47
C ASP A 328 -15.54 15.46 17.82
N ILE A 329 -15.08 16.55 18.40
CA ILE A 329 -13.96 17.33 17.86
C ILE A 329 -12.82 17.14 18.85
N ILE A 330 -11.86 16.33 18.39
CA ILE A 330 -10.73 15.80 19.20
C ILE A 330 -9.45 16.18 18.47
N SER A 331 -8.36 16.31 19.21
CA SER A 331 -7.04 16.65 18.66
C SER A 331 -5.98 15.72 19.24
N ARG A 332 -4.80 15.68 18.60
CA ARG A 332 -3.63 14.86 19.01
C ARG A 332 -2.42 15.27 18.18
N ARG A 333 -1.23 15.23 18.78
CA ARG A 333 0.06 15.66 18.16
C ARG A 333 0.84 14.45 17.64
N ASP A 334 0.41 13.24 18.00
CA ASP A 334 1.13 11.96 17.71
C ASP A 334 0.24 11.07 16.83
N GLN A 335 0.88 10.16 16.08
CA GLN A 335 0.21 9.15 15.20
C GLN A 335 0.25 9.63 13.75
N ARG A 336 0.14 8.68 12.81
CA ARG A 336 0.15 8.95 11.36
C ARG A 336 -1.20 9.53 10.93
N GLY A 337 -1.18 10.78 10.45
CA GLY A 337 -2.32 11.50 9.87
C GLY A 337 -1.89 12.29 8.64
N SER A 338 -2.33 11.86 7.46
CA SER A 338 -1.96 12.42 6.14
C SER A 338 -2.67 11.64 5.03
N GLY A 339 -2.46 12.03 3.77
CA GLY A 339 -3.00 11.29 2.61
C GLY A 339 -2.36 9.92 2.52
N GLN A 340 -3.09 8.92 2.05
CA GLN A 340 -2.66 7.50 2.01
C GLN A 340 -1.40 7.37 1.14
N VAL A 341 -1.14 8.36 0.27
CA VAL A 341 0.04 8.36 -0.65
C VAL A 341 1.23 9.03 0.05
N VAL A 342 1.01 10.18 0.73
CA VAL A 342 2.07 10.77 1.60
C VAL A 342 2.35 9.83 2.77
N THR A 343 1.29 9.21 3.33
CA THR A 343 1.41 8.21 4.43
C THR A 343 2.34 7.07 4.00
N TYR A 344 2.20 6.58 2.76
CA TYR A 344 3.02 5.49 2.20
C TYR A 344 4.50 5.91 2.16
N GLY A 345 4.79 7.11 1.64
CA GLY A 345 6.19 7.57 1.45
C GLY A 345 6.90 7.77 2.79
N LEU A 346 6.23 8.36 3.75
CA LEU A 346 6.81 8.69 5.07
C LEU A 346 6.92 7.41 5.92
N ASN A 347 5.93 6.49 5.81
CA ASN A 347 6.00 5.11 6.40
C ASN A 347 7.24 4.41 5.85
N THR A 348 7.43 4.42 4.53
CA THR A 348 8.65 3.78 3.93
C THR A 348 9.92 4.40 4.55
N PHE A 349 9.98 5.73 4.61
CA PHE A 349 11.17 6.48 5.08
C PHE A 349 11.50 6.07 6.53
N THR A 350 10.52 6.13 7.41
CA THR A 350 10.71 5.93 8.87
C THR A 350 10.95 4.43 9.14
N ASN A 351 10.36 3.54 8.32
CA ASN A 351 10.64 2.09 8.36
C ASN A 351 12.07 1.87 7.89
N MET A 352 12.51 2.52 6.83
CA MET A 352 13.91 2.35 6.36
C MET A 352 14.83 2.74 7.54
N GLU A 353 14.50 3.85 8.19
CA GLU A 353 15.33 4.41 9.30
C GLU A 353 15.40 3.39 10.46
N ALA A 354 14.24 2.94 10.93
CA ALA A 354 14.10 1.96 12.02
C ALA A 354 14.89 0.68 11.69
N GLN A 355 14.78 0.16 10.48
CA GLN A 355 15.47 -1.11 10.12
C GLN A 355 16.98 -0.89 10.00
N LEU A 356 17.48 0.25 9.52
CA LEU A 356 18.96 0.53 9.49
C LEU A 356 19.52 0.54 10.93
N ILE A 357 18.76 1.07 11.87
CA ILE A 357 19.13 1.24 13.29
C ILE A 357 19.12 -0.14 13.97
N ARG A 358 18.07 -0.96 13.74
CA ARG A 358 18.06 -2.38 14.14
C ARG A 358 19.26 -3.12 13.56
N GLN A 359 19.60 -2.90 12.30
CA GLN A 359 20.85 -3.48 11.74
C GLN A 359 22.07 -2.93 12.52
N MET A 360 22.05 -1.68 12.97
CA MET A 360 23.23 -1.09 13.68
C MET A 360 23.43 -1.83 15.01
N GLU A 361 22.35 -2.03 15.76
CA GLU A 361 22.30 -2.76 17.03
C GLU A 361 22.84 -4.18 16.84
N GLY A 362 22.36 -4.92 15.84
CA GLY A 362 22.85 -6.29 15.56
C GLY A 362 24.36 -6.38 15.29
N GLU A 363 24.93 -5.36 14.63
CA GLU A 363 26.32 -5.41 14.11
C GLU A 363 27.31 -4.90 15.17
N GLY A 364 26.81 -4.29 16.25
CA GLY A 364 27.64 -3.79 17.37
C GLY A 364 28.24 -2.42 17.07
N VAL A 365 27.39 -1.47 16.63
CA VAL A 365 27.76 -0.05 16.31
C VAL A 365 27.48 0.83 17.54
N PHE A 366 26.58 0.41 18.42
CA PHE A 366 26.22 1.14 19.67
C PHE A 366 25.78 0.15 20.76
N LYS A 367 26.32 0.35 21.97
CA LYS A 367 26.17 -0.58 23.12
C LYS A 367 24.79 -0.39 23.76
N SER A 368 24.34 0.85 23.95
CA SER A 368 23.06 1.08 24.66
C SER A 368 22.27 2.26 24.10
N ILE A 369 20.94 2.21 24.22
CA ILE A 369 20.06 3.29 23.68
C ILE A 369 19.83 4.34 24.76
N GLN A 370 20.30 4.09 25.98
CA GLN A 370 20.04 5.03 27.10
C GLN A 370 20.69 6.37 26.76
N HIS A 371 21.91 6.33 26.22
CA HIS A 371 22.63 7.57 25.84
C HIS A 371 23.74 7.20 24.87
N LEU A 372 24.07 8.10 23.95
CA LEU A 372 25.11 7.81 22.93
C LEU A 372 26.37 8.61 23.24
N THR A 373 27.52 7.94 23.25
CA THR A 373 28.81 8.64 23.47
C THR A 373 29.16 9.41 22.20
N VAL A 374 30.09 10.36 22.28
CA VAL A 374 30.56 11.08 21.06
C VAL A 374 31.24 10.08 20.14
N THR A 375 32.04 9.17 20.70
CA THR A 375 32.68 8.13 19.89
C THR A 375 31.58 7.29 19.21
N GLU A 376 30.47 7.05 19.93
CA GLU A 376 29.36 6.23 19.36
C GLU A 376 28.68 7.03 18.25
N GLU A 377 28.56 8.35 18.40
CA GLU A 377 27.98 9.17 17.31
C GLU A 377 28.89 9.07 16.07
N ILE A 378 30.19 9.28 16.23
CA ILE A 378 31.07 9.27 15.02
C ILE A 378 30.98 7.88 14.39
N ALA A 379 30.84 6.85 15.22
CA ALA A 379 30.79 5.45 14.73
C ALA A 379 29.54 5.22 13.88
N VAL A 380 28.39 5.68 14.36
CA VAL A 380 27.11 5.55 13.61
C VAL A 380 27.28 6.31 12.28
N LYS A 381 27.87 7.50 12.34
CA LYS A 381 28.05 8.32 11.12
C LYS A 381 28.98 7.60 10.15
N ASN A 382 30.09 7.06 10.64
CA ASN A 382 31.07 6.41 9.74
C ASN A 382 30.45 5.14 9.16
N TRP A 383 29.61 4.46 9.95
CA TRP A 383 28.90 3.25 9.48
C TRP A 383 28.02 3.63 8.29
N LEU A 384 27.20 4.67 8.46
CA LEU A 384 26.28 5.11 7.40
C LEU A 384 27.07 5.51 6.14
N VAL A 385 28.17 6.22 6.32
CA VAL A 385 29.00 6.67 5.18
C VAL A 385 29.71 5.48 4.55
N ARG A 386 30.14 4.51 5.35
CA ARG A 386 30.95 3.40 4.81
C ARG A 386 30.08 2.28 4.23
N VAL A 387 28.95 1.95 4.88
CA VAL A 387 28.19 0.76 4.39
C VAL A 387 26.67 0.99 4.35
N GLY A 388 26.19 2.20 4.62
CA GLY A 388 24.74 2.47 4.69
C GLY A 388 24.00 2.06 3.43
N ARG A 389 24.59 2.33 2.27
CA ARG A 389 23.92 2.03 0.98
C ARG A 389 23.87 0.51 0.80
N GLU A 390 24.95 -0.19 1.18
CA GLU A 390 24.92 -1.67 1.12
C GLU A 390 23.81 -2.19 2.04
N ARG A 391 23.65 -1.59 3.20
CA ARG A 391 22.68 -2.08 4.19
C ARG A 391 21.25 -1.84 3.71
N LEU A 392 21.03 -0.73 2.99
CA LEU A 392 19.70 -0.44 2.42
C LEU A 392 19.37 -1.45 1.32
N SER A 393 20.39 -1.89 0.57
CA SER A 393 20.20 -2.86 -0.53
C SER A 393 19.83 -4.24 0.01
N ARG A 394 20.02 -4.46 1.33
CA ARG A 394 19.70 -5.76 1.97
C ARG A 394 18.23 -5.76 2.40
N MET A 395 17.50 -4.71 2.04
CA MET A 395 16.09 -4.58 2.48
C MET A 395 15.12 -4.35 1.30
N ALA A 396 13.90 -4.86 1.46
CA ALA A 396 12.74 -4.51 0.62
C ALA A 396 11.67 -3.93 1.57
N ILE A 397 11.31 -2.66 1.38
CA ILE A 397 10.46 -1.91 2.32
C ILE A 397 9.35 -1.24 1.52
N SER A 398 8.12 -1.63 1.83
CA SER A 398 6.89 -1.07 1.28
C SER A 398 6.07 -0.49 2.43
N GLY A 399 6.14 0.82 2.67
CA GLY A 399 5.44 1.45 3.79
C GLY A 399 5.78 0.75 5.11
N ASP A 400 4.80 0.27 5.84
CA ASP A 400 5.07 -0.39 7.15
C ASP A 400 5.52 -1.84 6.96
N ASP A 401 5.62 -2.32 5.72
CA ASP A 401 5.94 -3.74 5.45
C ASP A 401 7.41 -3.85 5.11
N CYS A 402 8.12 -4.83 5.67
CA CYS A 402 9.57 -4.99 5.36
C CYS A 402 10.05 -6.46 5.34
N VAL A 403 11.15 -6.65 4.60
CA VAL A 403 11.99 -7.88 4.55
C VAL A 403 13.44 -7.37 4.67
N VAL A 404 14.20 -7.89 5.63
CA VAL A 404 15.63 -7.53 5.88
C VAL A 404 16.45 -8.82 5.85
N LYS A 405 17.50 -8.83 5.03
CA LYS A 405 18.57 -9.85 5.11
C LYS A 405 19.82 -9.23 5.74
N PRO A 406 19.93 -9.26 7.09
CA PRO A 406 21.06 -8.66 7.78
C PRO A 406 22.38 -9.39 7.53
N LEU A 407 23.44 -8.78 8.01
CA LEU A 407 24.82 -9.33 7.88
C LEU A 407 24.89 -10.73 8.52
N ASP A 408 24.19 -10.95 9.64
CA ASP A 408 24.11 -12.29 10.31
C ASP A 408 22.89 -12.33 11.24
N ASP A 409 22.76 -13.35 12.08
CA ASP A 409 21.51 -13.57 12.86
C ASP A 409 21.55 -12.88 14.23
N ARG A 410 22.57 -12.08 14.56
CA ARG A 410 22.47 -11.22 15.77
C ARG A 410 21.28 -10.27 15.72
N PHE A 411 20.87 -9.88 14.50
CA PHE A 411 19.70 -9.02 14.21
C PHE A 411 18.44 -9.56 14.92
N ALA A 412 18.26 -10.89 14.96
CA ALA A 412 17.05 -11.55 15.53
C ALA A 412 16.80 -11.15 16.99
N SER A 413 17.85 -10.92 17.78
CA SER A 413 17.66 -10.52 19.20
C SER A 413 18.07 -9.05 19.44
N ALA A 414 18.30 -8.26 18.39
CA ALA A 414 18.61 -6.81 18.51
C ALA A 414 17.28 -6.06 18.60
N LEU A 415 16.74 -5.88 19.79
CA LEU A 415 15.34 -5.45 19.96
C LEU A 415 15.22 -4.18 20.80
N THR A 416 16.30 -3.62 21.32
CA THR A 416 16.13 -2.52 22.32
C THR A 416 15.71 -1.26 21.55
N ALA A 417 16.47 -0.90 20.51
CA ALA A 417 16.16 0.31 19.70
C ALA A 417 14.75 0.16 19.11
N LEU A 418 14.43 -1.01 18.53
CA LEU A 418 13.14 -1.24 17.84
C LEU A 418 11.97 -1.06 18.80
N ASN A 419 12.03 -1.72 19.97
CA ASN A 419 10.98 -1.60 21.01
C ASN A 419 10.90 -0.16 21.53
N ASP A 420 12.05 0.51 21.77
CA ASP A 420 12.11 1.89 22.30
C ASP A 420 11.60 2.92 21.28
N MET A 421 11.74 2.68 19.97
CA MET A 421 11.17 3.60 18.95
C MET A 421 9.65 3.44 18.96
N GLY A 422 9.12 2.41 19.61
CA GLY A 422 7.68 2.10 19.65
C GLY A 422 7.20 1.23 18.51
N LYS A 423 8.09 0.68 17.70
CA LYS A 423 7.78 -0.22 16.55
C LYS A 423 7.78 -1.66 17.06
N VAL A 424 6.88 -1.93 18.01
CA VAL A 424 6.77 -3.24 18.70
C VAL A 424 6.15 -4.26 17.74
N ARG A 425 6.79 -5.42 17.60
CA ARG A 425 6.44 -6.48 16.64
C ARG A 425 5.06 -7.04 16.99
N LYS A 426 4.32 -7.51 15.99
CA LYS A 426 2.97 -8.11 16.12
C LYS A 426 3.10 -9.62 16.40
N ASP A 427 2.25 -10.15 17.29
CA ASP A 427 2.15 -11.63 17.58
C ASP A 427 3.48 -12.31 17.95
N ILE A 428 4.26 -11.70 18.84
CA ILE A 428 5.51 -12.30 19.41
C ILE A 428 5.80 -11.50 20.66
N GLN A 429 6.28 -12.13 21.73
CA GLN A 429 6.48 -11.42 23.02
C GLN A 429 7.61 -10.41 22.82
N GLN A 430 7.57 -9.36 23.60
CA GLN A 430 8.36 -8.14 23.38
C GLN A 430 9.83 -8.46 23.21
N TRP A 431 10.38 -9.39 24.02
CA TRP A 431 11.85 -9.64 24.11
C TRP A 431 12.23 -11.02 23.55
N GLU A 432 11.29 -11.69 22.91
CA GLU A 432 11.53 -12.99 22.23
C GLU A 432 12.20 -12.71 20.88
N PRO A 433 13.32 -13.35 20.56
CA PRO A 433 14.01 -13.08 19.29
C PRO A 433 13.15 -13.41 18.08
N SER A 434 13.32 -12.65 16.99
CA SER A 434 12.56 -12.83 15.74
C SER A 434 12.88 -14.20 15.15
N ARG A 435 11.90 -14.87 14.56
CA ARG A 435 12.05 -16.09 13.73
C ARG A 435 12.21 -15.67 12.27
N GLY A 436 13.37 -15.92 11.70
CA GLY A 436 13.68 -15.59 10.31
C GLY A 436 13.35 -16.73 9.36
N TRP A 437 13.54 -16.51 8.07
CA TRP A 437 13.19 -17.50 7.03
C TRP A 437 14.48 -17.94 6.36
N ASN A 438 14.63 -19.22 6.09
CA ASN A 438 15.84 -19.71 5.39
C ASN A 438 15.60 -19.73 3.88
N ASP A 439 14.35 -19.71 3.41
CA ASP A 439 14.02 -19.81 1.97
C ASP A 439 13.28 -18.53 1.52
N TRP A 440 13.84 -17.78 0.58
CA TRP A 440 13.20 -16.55 0.04
C TRP A 440 11.81 -16.84 -0.53
N THR A 441 11.53 -18.07 -0.94
CA THR A 441 10.22 -18.46 -1.53
C THR A 441 9.12 -18.66 -0.49
N GLN A 442 9.42 -18.60 0.81
CA GLN A 442 8.40 -18.70 1.89
C GLN A 442 8.23 -17.36 2.63
N VAL A 443 9.07 -16.36 2.35
CA VAL A 443 8.99 -15.02 3.00
C VAL A 443 7.68 -14.34 2.60
N PRO A 444 6.88 -13.83 3.57
CA PRO A 444 5.74 -13.00 3.23
C PRO A 444 6.18 -11.55 2.90
N PHE A 445 5.55 -10.89 1.91
CA PHE A 445 5.79 -9.46 1.59
C PHE A 445 4.65 -8.94 0.76
N CYS A 446 4.05 -7.83 1.17
CA CYS A 446 2.92 -7.18 0.44
C CYS A 446 1.81 -8.21 0.19
N SER A 447 1.52 -9.04 1.20
CA SER A 447 0.37 -9.97 1.25
C SER A 447 0.60 -11.16 0.30
N HIS A 448 1.82 -11.37 -0.16
CA HIS A 448 2.17 -12.47 -1.10
C HIS A 448 3.36 -13.32 -0.60
N HIS A 449 3.57 -14.46 -1.23
CA HIS A 449 4.86 -15.14 -1.38
C HIS A 449 5.14 -15.34 -2.87
N PHE A 450 6.33 -15.84 -3.16
CA PHE A 450 6.90 -15.86 -4.51
C PHE A 450 7.44 -17.25 -4.79
N HIS A 451 7.07 -17.77 -5.96
CA HIS A 451 7.50 -19.08 -6.47
C HIS A 451 8.49 -18.84 -7.60
N GLU A 452 9.44 -19.77 -7.72
CA GLU A 452 10.38 -19.89 -8.86
C GLU A 452 9.80 -20.94 -9.81
N LEU A 453 9.65 -20.60 -11.07
CA LEU A 453 8.88 -21.43 -12.04
C LEU A 453 9.68 -21.45 -13.33
N ILE A 454 10.05 -22.64 -13.74
CA ILE A 454 10.94 -22.84 -14.93
C ILE A 454 10.06 -23.15 -16.13
N MET A 455 10.23 -22.37 -17.18
CA MET A 455 9.50 -22.57 -18.45
C MET A 455 10.10 -23.74 -19.20
N LYS A 456 9.27 -24.40 -20.02
N LYS A 456 9.26 -24.40 -20.00
CA LYS A 456 9.69 -25.55 -20.85
CA LYS A 456 9.64 -25.50 -20.93
C LYS A 456 10.99 -25.19 -21.61
C LYS A 456 11.00 -25.18 -21.57
N ASP A 457 11.24 -23.90 -21.88
CA ASP A 457 12.51 -23.45 -22.53
C ASP A 457 13.64 -23.05 -21.55
N GLY A 458 13.51 -23.32 -20.24
CA GLY A 458 14.59 -23.14 -19.27
C GLY A 458 14.67 -21.71 -18.73
N ARG A 459 13.89 -20.76 -19.27
CA ARG A 459 13.88 -19.39 -18.69
C ARG A 459 13.14 -19.41 -17.33
N VAL A 460 13.50 -18.50 -16.44
CA VAL A 460 13.03 -18.52 -15.04
C VAL A 460 12.04 -17.39 -14.79
N LEU A 461 10.81 -17.75 -14.43
CA LEU A 461 9.81 -16.78 -13.93
C LEU A 461 9.82 -16.81 -12.40
N VAL A 462 9.83 -15.64 -11.77
CA VAL A 462 9.54 -15.50 -10.31
C VAL A 462 8.18 -14.85 -10.17
N VAL A 463 7.21 -15.61 -9.70
CA VAL A 463 5.77 -15.25 -9.83
C VAL A 463 5.20 -15.00 -8.44
N PRO A 464 4.27 -14.05 -8.32
CA PRO A 464 3.62 -13.78 -7.04
C PRO A 464 2.48 -14.76 -6.80
N CYS A 465 2.14 -14.98 -5.53
CA CYS A 465 1.18 -16.02 -5.11
C CYS A 465 0.58 -15.67 -3.76
N ARG A 466 -0.69 -15.99 -3.55
CA ARG A 466 -1.27 -16.04 -2.20
C ARG A 466 -2.39 -17.08 -2.17
N ASN A 467 -2.95 -17.32 -1.00
CA ASN A 467 -4.02 -18.34 -0.83
C ASN A 467 -5.14 -17.98 -1.83
N GLN A 468 -5.57 -18.95 -2.60
CA GLN A 468 -6.47 -18.74 -3.75
C GLN A 468 -7.86 -18.36 -3.24
N ASP A 469 -8.24 -18.79 -2.04
CA ASP A 469 -9.54 -18.37 -1.46
C ASP A 469 -9.56 -16.85 -1.32
N GLU A 470 -8.43 -16.24 -0.97
CA GLU A 470 -8.32 -14.78 -0.80
C GLU A 470 -8.52 -14.09 -2.17
N LEU A 471 -7.88 -14.60 -3.23
CA LEU A 471 -8.02 -14.04 -4.59
C LEU A 471 -9.46 -14.12 -5.08
N ILE A 472 -10.10 -15.27 -4.93
CA ILE A 472 -11.48 -15.48 -5.43
C ILE A 472 -12.46 -14.67 -4.61
N GLY A 473 -12.22 -14.60 -3.31
CA GLY A 473 -13.11 -13.85 -2.38
C GLY A 473 -13.12 -12.34 -2.65
N ARG A 474 -11.95 -11.76 -2.96
CA ARG A 474 -11.78 -10.32 -3.28
C ARG A 474 -12.47 -10.00 -4.61
N ALA A 475 -12.27 -10.85 -5.62
CA ALA A 475 -12.83 -10.64 -6.98
C ALA A 475 -14.36 -10.73 -6.92
N ARG A 476 -14.94 -11.35 -5.89
CA ARG A 476 -16.42 -11.51 -5.78
C ARG A 476 -17.01 -10.27 -5.12
N ILE A 477 -16.19 -9.31 -4.76
CA ILE A 477 -16.71 -8.12 -4.04
C ILE A 477 -16.58 -6.89 -4.93
N SER A 478 -17.66 -6.11 -5.03
N SER A 478 -17.66 -6.11 -5.06
CA SER A 478 -17.71 -4.75 -5.62
CA SER A 478 -17.66 -4.75 -5.66
C SER A 478 -17.82 -3.73 -4.48
C SER A 478 -17.87 -3.70 -4.56
N GLN A 479 -17.09 -2.61 -4.59
CA GLN A 479 -17.12 -1.49 -3.61
C GLN A 479 -18.02 -0.37 -4.15
N GLY A 480 -18.98 0.09 -3.34
CA GLY A 480 -20.01 1.06 -3.73
C GLY A 480 -21.05 0.40 -4.62
N ALA A 481 -22.27 0.96 -4.62
CA ALA A 481 -23.44 0.45 -5.37
C ALA A 481 -23.93 1.52 -6.37
N GLY A 482 -25.01 1.20 -7.09
CA GLY A 482 -25.45 1.95 -8.28
C GLY A 482 -24.79 1.41 -9.52
N TRP A 483 -24.10 0.26 -9.43
CA TRP A 483 -23.35 -0.31 -10.58
C TRP A 483 -24.34 -0.92 -11.57
N SER A 484 -24.25 -0.55 -12.83
CA SER A 484 -24.97 -1.22 -13.92
C SER A 484 -24.39 -2.62 -14.11
N LEU A 485 -25.06 -3.48 -14.90
CA LEU A 485 -24.56 -4.81 -15.30
C LEU A 485 -23.24 -4.67 -16.04
N ARG A 486 -23.19 -3.73 -16.97
CA ARG A 486 -22.00 -3.47 -17.81
C ARG A 486 -20.81 -3.14 -16.88
N GLU A 487 -20.98 -2.23 -15.93
CA GLU A 487 -19.88 -1.82 -15.04
C GLU A 487 -19.43 -3.02 -14.15
N THR A 488 -20.38 -3.79 -13.65
CA THR A 488 -20.09 -5.02 -12.85
C THR A 488 -19.28 -5.96 -13.73
N ALA A 489 -19.64 -6.08 -15.02
CA ALA A 489 -18.96 -7.00 -15.96
C ALA A 489 -17.52 -6.53 -16.18
N CYS A 490 -17.33 -5.21 -16.33
CA CYS A 490 -16.01 -4.58 -16.62
C CYS A 490 -15.10 -4.70 -15.38
N LEU A 491 -15.64 -4.63 -14.18
CA LEU A 491 -14.83 -4.92 -12.95
C LEU A 491 -14.41 -6.41 -12.90
N GLY A 492 -15.31 -7.33 -13.24
CA GLY A 492 -15.00 -8.75 -13.32
C GLY A 492 -13.86 -9.00 -14.28
N LYS A 493 -13.89 -8.32 -15.42
CA LYS A 493 -12.83 -8.47 -16.46
C LYS A 493 -11.50 -7.92 -15.95
N SER A 494 -11.52 -6.85 -15.17
CA SER A 494 -10.29 -6.31 -14.57
C SER A 494 -9.60 -7.38 -13.71
N TYR A 495 -10.37 -8.06 -12.87
CA TYR A 495 -9.82 -9.14 -12.01
C TYR A 495 -9.29 -10.28 -12.89
N ALA A 496 -10.06 -10.68 -13.88
CA ALA A 496 -9.66 -11.79 -14.77
C ALA A 496 -8.34 -11.47 -15.47
N GLN A 497 -8.19 -10.24 -15.96
CA GLN A 497 -6.95 -9.86 -16.69
C GLN A 497 -5.78 -9.81 -15.70
N MET A 498 -6.03 -9.35 -14.47
CA MET A 498 -4.98 -9.35 -13.43
C MET A 498 -4.54 -10.80 -13.17
N TRP A 499 -5.50 -11.71 -13.06
CA TRP A 499 -5.20 -13.13 -12.80
C TRP A 499 -4.37 -13.72 -13.95
N SER A 500 -4.68 -13.33 -15.19
N SER A 500 -4.69 -13.34 -15.20
CA SER A 500 -3.96 -13.88 -16.37
CA SER A 500 -3.96 -13.88 -16.37
C SER A 500 -2.52 -13.37 -16.39
C SER A 500 -2.52 -13.37 -16.39
N LEU A 501 -2.28 -12.16 -15.88
CA LEU A 501 -0.92 -11.57 -15.92
C LEU A 501 -0.09 -11.94 -14.70
N MET A 502 -0.69 -12.06 -13.51
CA MET A 502 0.08 -12.28 -12.27
C MET A 502 -0.09 -13.69 -11.69
N TYR A 503 -1.23 -14.33 -11.93
CA TYR A 503 -1.61 -15.61 -11.27
C TYR A 503 -1.91 -16.69 -12.33
N PHE A 504 -1.37 -16.55 -13.55
CA PHE A 504 -1.54 -17.49 -14.69
C PHE A 504 -1.13 -18.93 -14.30
N HIS A 505 -0.27 -19.01 -13.30
CA HIS A 505 0.37 -20.28 -12.83
C HIS A 505 -0.57 -21.11 -11.93
N ARG A 506 -1.72 -20.55 -11.53
CA ARG A 506 -2.75 -21.22 -10.71
C ARG A 506 -3.82 -21.75 -11.68
N ARG A 507 -3.95 -23.07 -11.80
CA ARG A 507 -4.87 -23.73 -12.75
C ARG A 507 -6.28 -23.13 -12.66
N ASP A 508 -6.83 -22.96 -11.47
CA ASP A 508 -8.24 -22.52 -11.37
C ASP A 508 -8.38 -21.05 -11.85
N LEU A 509 -7.36 -20.22 -11.62
CA LEU A 509 -7.46 -18.77 -11.93
C LEU A 509 -7.26 -18.59 -13.44
N ARG A 510 -6.43 -19.38 -14.12
CA ARG A 510 -6.27 -19.24 -15.58
C ARG A 510 -7.59 -19.65 -16.23
N LEU A 511 -8.20 -20.71 -15.74
CA LEU A 511 -9.50 -21.21 -16.25
C LEU A 511 -10.57 -20.17 -15.95
N ALA A 512 -10.67 -19.64 -14.74
CA ALA A 512 -11.78 -18.73 -14.41
C ALA A 512 -11.57 -17.42 -15.18
N ALA A 513 -10.34 -16.99 -15.38
CA ALA A 513 -9.99 -15.75 -16.07
C ALA A 513 -10.44 -15.89 -17.52
N ASN A 514 -10.06 -16.99 -18.17
CA ASN A 514 -10.49 -17.27 -19.55
C ASN A 514 -12.02 -17.29 -19.62
N ALA A 515 -12.66 -17.93 -18.66
CA ALA A 515 -14.14 -17.98 -18.64
C ALA A 515 -14.73 -16.56 -18.52
N ILE A 516 -14.25 -15.73 -17.61
CA ILE A 516 -14.79 -14.36 -17.42
C ILE A 516 -14.55 -13.55 -18.72
N CYS A 517 -13.37 -13.61 -19.33
CA CYS A 517 -13.05 -12.84 -20.55
C CYS A 517 -13.88 -13.37 -21.74
N SER A 518 -14.40 -14.58 -21.66
CA SER A 518 -15.27 -15.17 -22.71
C SER A 518 -16.72 -14.73 -22.49
N ALA A 519 -17.11 -14.41 -21.26
CA ALA A 519 -18.52 -14.15 -20.84
C ALA A 519 -18.82 -12.67 -20.94
N VAL A 520 -17.79 -11.83 -20.96
CA VAL A 520 -17.87 -10.34 -21.04
C VAL A 520 -17.53 -9.92 -22.48
N PRO A 521 -18.30 -8.98 -23.08
CA PRO A 521 -18.04 -8.52 -24.45
C PRO A 521 -16.54 -8.30 -24.66
N SER A 522 -16.03 -8.72 -25.82
N SER A 522 -16.03 -8.72 -25.82
CA SER A 522 -14.57 -8.62 -26.09
CA SER A 522 -14.57 -8.62 -26.09
C SER A 522 -14.06 -7.18 -26.00
C SER A 522 -14.06 -7.18 -26.00
N HIS A 523 -14.84 -6.21 -26.50
CA HIS A 523 -14.36 -4.79 -26.52
C HIS A 523 -14.74 -3.96 -25.29
N TRP A 524 -15.46 -4.50 -24.32
CA TRP A 524 -15.74 -3.71 -23.09
C TRP A 524 -14.44 -3.45 -22.31
N VAL A 525 -14.26 -2.23 -21.81
CA VAL A 525 -12.97 -1.85 -21.17
C VAL A 525 -12.97 -2.18 -19.68
N PRO A 526 -11.96 -2.92 -19.18
CA PRO A 526 -11.83 -3.18 -17.74
C PRO A 526 -11.84 -1.89 -16.91
N THR A 527 -12.70 -1.82 -15.89
CA THR A 527 -12.87 -0.62 -15.02
C THR A 527 -12.50 -0.95 -13.57
N SER A 528 -11.96 0.05 -12.85
CA SER A 528 -11.69 0.05 -11.39
C SER A 528 -11.13 -1.29 -10.93
N THR A 537 1.13 -0.28 -10.93
CA THR A 537 1.40 -0.60 -12.36
C THR A 537 0.08 -0.84 -13.10
N HIS A 538 -0.59 -1.96 -12.81
CA HIS A 538 -1.94 -2.30 -13.33
C HIS A 538 -1.90 -2.38 -14.85
N GLU A 539 -0.94 -3.13 -15.39
CA GLU A 539 -0.76 -3.35 -16.85
C GLU A 539 -1.90 -4.22 -17.38
N TRP A 540 -2.77 -4.73 -16.51
CA TRP A 540 -3.95 -5.54 -16.89
C TRP A 540 -5.13 -4.63 -17.25
N MET A 541 -5.04 -3.33 -16.95
CA MET A 541 -6.08 -2.32 -17.27
C MET A 541 -5.91 -1.85 -18.72
N THR A 542 -6.39 -2.64 -19.68
CA THR A 542 -6.21 -2.44 -21.14
C THR A 542 -7.14 -3.38 -21.92
N THR A 543 -7.38 -3.11 -23.20
CA THR A 543 -8.21 -3.93 -24.12
C THR A 543 -7.31 -4.75 -25.05
N GLU A 544 -6.01 -4.41 -25.08
CA GLU A 544 -4.97 -5.21 -25.80
C GLU A 544 -5.07 -6.69 -25.43
N ASP A 545 -4.66 -7.56 -26.34
CA ASP A 545 -4.55 -9.03 -26.12
C ASP A 545 -3.75 -9.24 -24.83
N MET A 546 -4.16 -10.20 -23.99
CA MET A 546 -3.48 -10.45 -22.69
C MET A 546 -2.15 -11.16 -22.94
N LEU A 547 -2.07 -12.02 -23.95
CA LEU A 547 -0.78 -12.70 -24.29
C LEU A 547 0.27 -11.65 -24.65
N THR A 548 -0.08 -10.64 -25.45
CA THR A 548 0.86 -9.57 -25.88
C THR A 548 1.28 -8.74 -24.66
N VAL A 549 0.37 -8.47 -23.72
CA VAL A 549 0.73 -7.84 -22.43
C VAL A 549 1.62 -8.77 -21.60
N TRP A 550 1.30 -10.07 -21.57
CA TRP A 550 2.13 -11.07 -20.85
C TRP A 550 3.58 -10.94 -21.32
N ASN A 551 3.78 -11.03 -22.63
CA ASN A 551 5.10 -11.00 -23.29
C ASN A 551 5.83 -9.70 -22.96
N ARG A 552 5.13 -8.58 -22.96
CA ARG A 552 5.80 -7.30 -22.67
C ARG A 552 6.28 -7.33 -21.20
N VAL A 553 5.43 -7.80 -20.29
CA VAL A 553 5.67 -7.70 -18.81
C VAL A 553 6.72 -8.75 -18.39
N TRP A 554 6.61 -9.98 -18.84
CA TRP A 554 7.41 -11.11 -18.30
C TRP A 554 8.65 -11.34 -19.13
N ILE A 555 8.67 -10.93 -20.41
CA ILE A 555 9.84 -11.20 -21.30
C ILE A 555 10.50 -9.86 -21.64
N GLN A 556 9.84 -9.03 -22.45
CA GLN A 556 10.44 -7.83 -23.11
C GLN A 556 10.99 -6.87 -22.05
N GLU A 557 10.19 -6.45 -21.09
CA GLU A 557 10.54 -5.39 -20.12
C GLU A 557 11.11 -5.96 -18.80
N ASN A 558 11.37 -7.27 -18.73
CA ASN A 558 11.80 -8.00 -17.51
C ASN A 558 13.32 -7.93 -17.45
N PRO A 559 13.95 -7.09 -16.63
CA PRO A 559 15.40 -7.04 -16.62
C PRO A 559 16.08 -8.32 -16.10
N TRP A 560 15.34 -9.29 -15.57
CA TRP A 560 15.94 -10.57 -15.10
C TRP A 560 15.95 -11.65 -16.19
N MET A 561 15.38 -11.37 -17.37
CA MET A 561 15.19 -12.31 -18.51
C MET A 561 16.18 -11.89 -19.61
N GLU A 562 17.27 -12.63 -19.81
CA GLU A 562 18.27 -12.26 -20.84
C GLU A 562 17.71 -12.56 -22.23
N ASP A 563 17.18 -13.77 -22.46
CA ASP A 563 16.61 -14.21 -23.75
C ASP A 563 15.23 -13.57 -23.96
N LYS A 564 15.06 -12.77 -25.04
CA LYS A 564 13.84 -11.97 -25.31
C LYS A 564 12.93 -12.66 -26.34
N THR A 565 13.09 -13.95 -26.56
CA THR A 565 12.22 -14.72 -27.50
C THR A 565 10.79 -14.65 -27.01
N PRO A 566 9.84 -14.10 -27.80
CA PRO A 566 8.46 -13.97 -27.32
C PRO A 566 7.84 -15.35 -27.17
N VAL A 567 6.75 -15.42 -26.41
CA VAL A 567 5.93 -16.66 -26.25
C VAL A 567 4.76 -16.56 -27.25
N GLU A 568 4.43 -17.66 -27.92
CA GLU A 568 3.52 -17.74 -29.11
C GLU A 568 2.11 -18.18 -28.71
N SER A 569 1.97 -18.90 -27.59
CA SER A 569 0.65 -19.28 -27.03
C SER A 569 0.69 -19.42 -25.50
N TRP A 570 -0.48 -19.46 -24.91
CA TRP A 570 -0.61 -19.66 -23.45
C TRP A 570 -0.04 -21.03 -23.03
N GLU A 571 -0.03 -22.01 -23.91
CA GLU A 571 0.44 -23.36 -23.51
C GLU A 571 1.94 -23.38 -23.28
N GLU A 572 2.70 -22.43 -23.82
CA GLU A 572 4.15 -22.28 -23.49
C GLU A 572 4.32 -21.81 -22.03
N ILE A 573 3.29 -21.22 -21.44
CA ILE A 573 3.36 -20.53 -20.12
C ILE A 573 3.00 -21.56 -19.03
N PRO A 574 3.94 -21.84 -18.12
CA PRO A 574 3.76 -22.93 -17.15
C PRO A 574 2.86 -22.64 -15.95
N TYR A 575 2.57 -23.68 -15.18
CA TYR A 575 1.88 -23.62 -13.86
C TYR A 575 2.83 -24.04 -12.73
N LEU A 576 2.36 -23.87 -11.50
CA LEU A 576 3.09 -24.43 -10.36
C LEU A 576 2.84 -25.93 -10.42
N GLY A 577 3.59 -26.73 -9.67
CA GLY A 577 3.27 -28.17 -9.61
C GLY A 577 1.85 -28.37 -9.09
N LYS A 578 1.22 -29.48 -9.47
CA LYS A 578 -0.19 -29.75 -9.05
C LYS A 578 -0.30 -29.72 -7.52
N ARG A 579 0.66 -30.32 -6.82
CA ARG A 579 0.63 -30.37 -5.33
C ARG A 579 0.84 -28.97 -4.77
N GLU A 580 1.81 -28.23 -5.31
CA GLU A 580 2.02 -26.82 -4.88
C GLU A 580 0.73 -26.03 -5.10
N ASP A 581 0.04 -26.30 -6.22
CA ASP A 581 -1.22 -25.55 -6.56
C ASP A 581 -2.24 -25.83 -5.49
N GLN A 582 -2.37 -27.10 -5.10
CA GLN A 582 -3.30 -27.57 -4.03
C GLN A 582 -2.89 -26.93 -2.69
N TRP A 583 -1.59 -26.95 -2.38
CA TRP A 583 -1.05 -26.30 -1.15
C TRP A 583 -1.44 -24.81 -1.11
N CYS A 584 -1.47 -24.11 -2.26
CA CYS A 584 -1.85 -22.67 -2.25
C CYS A 584 -3.34 -22.47 -2.49
N GLY A 585 -4.14 -23.52 -2.30
CA GLY A 585 -5.61 -23.47 -2.20
C GLY A 585 -6.36 -23.93 -3.42
N SER A 586 -5.71 -24.47 -4.46
CA SER A 586 -6.41 -24.98 -5.67
C SER A 586 -7.46 -26.04 -5.27
N LEU A 587 -8.53 -26.14 -6.05
CA LEU A 587 -9.59 -27.17 -5.91
C LEU A 587 -9.42 -28.28 -6.94
N ILE A 588 -8.29 -28.36 -7.67
CA ILE A 588 -8.04 -29.53 -8.56
C ILE A 588 -8.11 -30.79 -7.69
N GLY A 589 -8.68 -31.87 -8.23
CA GLY A 589 -8.94 -33.11 -7.47
C GLY A 589 -10.41 -33.21 -7.11
N LEU A 590 -11.00 -32.14 -6.55
CA LEU A 590 -12.44 -32.11 -6.16
C LEU A 590 -13.32 -32.37 -7.40
N THR A 591 -14.47 -33.01 -7.17
CA THR A 591 -15.50 -33.33 -8.20
C THR A 591 -16.30 -32.06 -8.51
N SER A 592 -16.58 -31.21 -7.52
CA SER A 592 -17.15 -29.86 -7.81
C SER A 592 -16.31 -29.11 -8.87
N ARG A 593 -14.98 -29.12 -8.76
CA ARG A 593 -14.06 -28.37 -9.64
C ARG A 593 -14.08 -29.04 -11.02
N ALA A 594 -14.03 -30.39 -11.09
CA ALA A 594 -14.08 -31.17 -12.35
C ALA A 594 -15.37 -30.86 -13.13
N THR A 595 -16.50 -30.75 -12.45
CA THR A 595 -17.79 -30.51 -13.10
C THR A 595 -17.85 -29.07 -13.63
N TRP A 596 -17.36 -28.15 -12.82
CA TRP A 596 -17.22 -26.73 -13.20
C TRP A 596 -16.42 -26.62 -14.50
N ALA A 597 -15.22 -27.19 -14.54
CA ALA A 597 -14.30 -27.14 -15.71
C ALA A 597 -14.93 -27.74 -16.96
N LYS A 598 -15.39 -28.98 -16.83
CA LYS A 598 -16.05 -29.76 -17.90
C LYS A 598 -17.21 -28.93 -18.48
N ASN A 599 -18.08 -28.34 -17.65
CA ASN A 599 -19.31 -27.65 -18.14
C ASN A 599 -19.13 -26.13 -18.19
N ILE A 600 -17.92 -25.61 -18.34
CA ILE A 600 -17.66 -24.16 -18.20
C ILE A 600 -18.41 -23.34 -19.29
N GLN A 601 -18.50 -23.87 -20.52
N GLN A 601 -18.51 -23.87 -20.52
CA GLN A 601 -19.19 -23.20 -21.66
CA GLN A 601 -19.19 -23.18 -21.65
C GLN A 601 -20.66 -22.90 -21.27
C GLN A 601 -20.66 -22.91 -21.28
N THR A 602 -21.28 -23.76 -20.47
CA THR A 602 -22.65 -23.55 -19.98
C THR A 602 -22.73 -22.37 -18.98
N ALA A 603 -21.69 -22.15 -18.18
CA ALA A 603 -21.66 -21.05 -17.21
C ALA A 603 -21.44 -19.77 -18.00
N ILE A 604 -20.46 -19.81 -18.90
CA ILE A 604 -20.16 -18.70 -19.85
C ILE A 604 -21.45 -18.27 -20.56
N ASN A 605 -22.22 -19.21 -21.09
CA ASN A 605 -23.50 -18.95 -21.81
C ASN A 605 -24.53 -18.38 -20.83
N GLN A 606 -24.57 -18.81 -19.56
CA GLN A 606 -25.53 -18.22 -18.59
C GLN A 606 -25.28 -16.71 -18.49
N VAL A 607 -24.03 -16.31 -18.33
CA VAL A 607 -23.69 -14.88 -18.15
C VAL A 607 -23.92 -14.14 -19.49
N ARG A 608 -23.54 -14.72 -20.63
CA ARG A 608 -23.79 -14.10 -21.97
C ARG A 608 -25.28 -13.81 -22.14
N SER A 609 -26.14 -14.74 -21.76
CA SER A 609 -27.62 -14.58 -21.86
C SER A 609 -28.10 -13.45 -20.98
N LEU A 610 -27.42 -13.16 -19.87
CA LEU A 610 -27.84 -12.10 -18.92
C LEU A 610 -27.45 -10.74 -19.48
N ILE A 611 -26.21 -10.63 -19.96
CA ILE A 611 -25.68 -9.37 -20.55
C ILE A 611 -26.40 -9.08 -21.88
N GLY A 612 -26.59 -10.09 -22.74
CA GLY A 612 -27.44 -10.02 -23.94
C GLY A 612 -26.66 -10.29 -25.22
N ASN A 613 -27.19 -9.82 -26.35
CA ASN A 613 -26.64 -10.10 -27.71
C ASN A 613 -25.54 -9.08 -28.04
N GLU A 614 -24.31 -9.41 -27.70
CA GLU A 614 -23.11 -8.53 -27.75
C GLU A 614 -22.08 -9.33 -28.51
N GLU A 615 -20.93 -8.74 -28.85
CA GLU A 615 -19.84 -9.49 -29.54
C GLU A 615 -19.01 -10.12 -28.42
N TYR A 616 -18.86 -11.44 -28.46
CA TYR A 616 -18.07 -12.26 -27.51
C TYR A 616 -16.99 -13.05 -28.25
N THR A 617 -15.86 -13.28 -27.58
CA THR A 617 -14.76 -14.19 -28.01
C THR A 617 -14.74 -15.44 -27.12
N ASP A 618 -14.51 -16.62 -27.69
CA ASP A 618 -14.25 -17.84 -26.89
C ASP A 618 -12.74 -17.87 -26.59
N TYR A 619 -12.32 -17.60 -25.35
CA TYR A 619 -10.89 -17.74 -24.95
C TYR A 619 -10.50 -19.13 -24.40
N MET A 620 -11.46 -20.04 -24.23
CA MET A 620 -11.22 -21.36 -23.57
C MET A 620 -10.27 -22.24 -24.39
N PRO A 621 -10.34 -22.26 -25.75
CA PRO A 621 -9.39 -23.03 -26.56
C PRO A 621 -7.91 -22.63 -26.45
N SER A 622 -7.60 -21.52 -25.77
CA SER A 622 -6.21 -21.11 -25.40
C SER A 622 -5.60 -22.12 -24.41
N MET A 623 -6.45 -22.90 -23.74
CA MET A 623 -6.07 -23.99 -22.80
C MET A 623 -6.16 -25.34 -23.53
N LYS A 624 -5.14 -26.19 -23.36
CA LYS A 624 -4.97 -27.49 -24.07
C LYS A 624 -6.26 -28.33 -23.97
N ARG A 625 -6.89 -28.38 -22.80
CA ARG A 625 -8.04 -29.28 -22.52
C ARG A 625 -9.27 -28.87 -23.35
N PHE A 626 -9.40 -27.58 -23.69
CA PHE A 626 -10.54 -27.04 -24.48
C PHE A 626 -10.12 -26.82 -25.94
N ARG A 627 -8.85 -27.07 -26.27
CA ARG A 627 -8.31 -26.91 -27.64
C ARG A 627 -8.80 -28.10 -28.49
N ARG A 628 -10.12 -28.22 -28.67
CA ARG A 628 -10.79 -29.36 -29.35
C ARG A 628 -12.01 -28.85 -30.12
#